data_4LSO
#
_entry.id   4LSO
#
_cell.length_a   60.730
_cell.length_b   60.730
_cell.length_c   87.860
_cell.angle_alpha   90.00
_cell.angle_beta   90.00
_cell.angle_gamma   90.00
#
_symmetry.space_group_name_H-M   'P 41 21 2'
#
loop_
_entity.id
_entity.type
_entity.pdbx_description
1 polymer 'Type IV secretion system protein virB8'
2 water water
#
_entity_poly.entity_id   1
_entity_poly.type   'polypeptide(L)'
_entity_poly.pdbx_seq_one_letter_code
;MAHHHHHHMTPLKTVEPFVIRVDNSTGIIETVSALKETPNNYDEAITRYFASKYVRAREGFQLSEAEYNFRLISLLSSPE
EQNRFAKWYSGNNPESPQNIYHNMTAKVTIKSISFLSKDLIQVRYYKTIRELNGKENISHWVSILNFSYINAHISTEDRL
INPLGFQVSEYRSDPEVIK
;
_entity_poly.pdbx_strand_id   A
#
# COMPACT_ATOMS: atom_id res chain seq x y z
N PRO A 39 3.46 10.47 -19.47
CA PRO A 39 2.17 10.09 -20.05
C PRO A 39 1.00 10.18 -19.06
N ASN A 40 -0.21 10.08 -19.61
CA ASN A 40 -1.41 9.91 -18.81
C ASN A 40 -1.45 8.50 -18.25
N ASN A 41 -1.05 7.51 -19.05
CA ASN A 41 -1.05 6.13 -18.60
C ASN A 41 0.22 5.40 -19.01
N TYR A 42 0.40 4.23 -18.42
CA TYR A 42 1.53 3.36 -18.67
C TYR A 42 1.05 1.95 -18.83
N ASP A 43 1.95 1.10 -19.30
CA ASP A 43 1.73 -0.32 -19.43
C ASP A 43 1.17 -0.95 -18.14
N GLU A 44 0.26 -1.92 -18.26
CA GLU A 44 -0.26 -2.56 -17.06
C GLU A 44 0.79 -3.12 -16.12
N ALA A 45 1.92 -3.61 -16.66
CA ALA A 45 2.97 -4.13 -15.79
C ALA A 45 3.58 -3.07 -14.91
N ILE A 46 3.66 -1.84 -15.41
CA ILE A 46 4.15 -0.74 -14.60
C ILE A 46 3.17 -0.45 -13.47
N THR A 47 1.89 -0.39 -13.82
CA THR A 47 0.87 -0.22 -12.80
C THR A 47 0.88 -1.35 -11.78
N ARG A 48 1.04 -2.60 -12.23
CA ARG A 48 1.11 -3.72 -11.26
C ARG A 48 2.31 -3.55 -10.33
N TYR A 49 3.43 -3.05 -10.88
CA TYR A 49 4.61 -2.85 -10.10
C TYR A 49 4.35 -1.82 -8.99
N PHE A 50 3.74 -0.70 -9.34
CA PHE A 50 3.53 0.34 -8.37
C PHE A 50 2.39 -0.01 -7.43
N ALA A 51 1.39 -0.70 -7.93
CA ALA A 51 0.28 -1.12 -7.05
C ALA A 51 0.78 -2.15 -6.02
N SER A 52 1.67 -3.06 -6.45
CA SER A 52 2.33 -3.99 -5.54
CA SER A 52 2.29 -3.98 -5.53
C SER A 52 3.14 -3.26 -4.49
N LYS A 53 3.99 -2.31 -4.93
CA LYS A 53 4.75 -1.51 -3.97
C LYS A 53 3.81 -0.87 -2.94
N TYR A 54 2.72 -0.28 -3.45
CA TYR A 54 1.79 0.47 -2.62
C TYR A 54 1.14 -0.44 -1.56
N VAL A 55 0.60 -1.55 -2.00
CA VAL A 55 -0.08 -2.46 -1.08
C VAL A 55 0.90 -3.11 -0.10
N ARG A 56 2.08 -3.52 -0.60
CA ARG A 56 3.10 -4.07 0.33
C ARG A 56 3.50 -3.09 1.41
N ALA A 57 3.72 -1.84 1.03
CA ALA A 57 4.13 -0.82 1.96
C ALA A 57 3.01 -0.39 2.90
N ARG A 58 1.80 -0.28 2.37
CA ARG A 58 0.68 0.21 3.15
C ARG A 58 0.12 -0.86 4.09
N GLU A 59 0.13 -2.11 3.68
CA GLU A 59 -0.50 -3.18 4.49
C GLU A 59 0.47 -4.05 5.28
N GLY A 60 1.76 -3.83 5.07
CA GLY A 60 2.80 -4.49 5.81
C GLY A 60 3.20 -3.62 6.98
N PHE A 61 4.09 -4.13 7.80
CA PHE A 61 4.64 -3.35 8.89
C PHE A 61 5.94 -3.96 9.39
N GLN A 62 7.00 -3.16 9.35
CA GLN A 62 8.29 -3.57 9.89
C GLN A 62 8.94 -2.30 10.38
N LEU A 63 9.37 -2.31 11.63
CA LEU A 63 9.81 -1.06 12.24
C LEU A 63 10.96 -0.44 11.47
N SER A 64 11.86 -1.29 10.98
CA SER A 64 13.06 -0.80 10.29
C SER A 64 12.78 -0.10 8.96
N GLU A 65 11.65 -0.43 8.32
CA GLU A 65 11.25 0.18 7.05
C GLU A 65 10.11 1.20 7.18
N ALA A 66 9.62 1.42 8.40
CA ALA A 66 8.37 2.16 8.61
C ALA A 66 8.41 3.62 8.15
N GLU A 67 9.52 4.30 8.44
CA GLU A 67 9.68 5.69 8.03
C GLU A 67 9.66 5.77 6.52
N TYR A 68 10.42 4.89 5.87
CA TYR A 68 10.47 4.84 4.41
C TYR A 68 9.11 4.50 3.79
N ASN A 69 8.48 3.47 4.32
CA ASN A 69 7.16 3.06 3.84
C ASN A 69 6.11 4.16 3.98
N PHE A 70 6.09 4.86 5.10
CA PHE A 70 5.17 6.00 5.26
C PHE A 70 5.41 7.08 4.19
N ARG A 71 6.69 7.37 3.95
CA ARG A 71 7.07 8.36 2.95
C ARG A 71 6.62 7.90 1.57
N LEU A 72 6.86 6.61 1.29
CA LEU A 72 6.52 6.03 0.00
C LEU A 72 5.03 6.11 -0.24
N ILE A 73 4.22 5.69 0.74
CA ILE A 73 2.75 5.74 0.60
C ILE A 73 2.28 7.16 0.44
N SER A 74 2.87 8.06 1.19
CA SER A 74 2.51 9.48 1.10
C SER A 74 2.79 10.02 -0.31
N LEU A 75 3.95 9.70 -0.88
CA LEU A 75 4.28 10.14 -2.24
C LEU A 75 3.41 9.53 -3.31
N LEU A 76 3.01 8.27 -3.10
CA LEU A 76 2.19 7.55 -4.05
C LEU A 76 0.69 7.80 -3.90
N SER A 77 0.28 8.64 -2.95
CA SER A 77 -1.13 8.92 -2.72
C SER A 77 -1.46 10.35 -3.15
N SER A 78 -2.68 10.58 -3.61
CA SER A 78 -3.17 11.95 -3.79
C SER A 78 -3.11 12.69 -2.46
N PRO A 79 -3.17 14.01 -2.48
CA PRO A 79 -3.15 14.69 -1.19
C PRO A 79 -4.28 14.31 -0.23
N GLU A 80 -5.48 14.13 -0.76
CA GLU A 80 -6.64 13.78 0.01
C GLU A 80 -6.49 12.36 0.57
N GLU A 81 -5.99 11.46 -0.25
CA GLU A 81 -5.79 10.08 0.22
C GLU A 81 -4.65 10.00 1.23
N GLN A 82 -3.59 10.80 1.01
CA GLN A 82 -2.50 10.85 1.96
C GLN A 82 -2.98 11.29 3.34
N ASN A 83 -3.87 12.28 3.37
CA ASN A 83 -4.40 12.78 4.63
C ASN A 83 -5.18 11.68 5.36
N ARG A 84 -5.99 10.95 4.60
CA ARG A 84 -6.74 9.80 5.11
C ARG A 84 -5.80 8.72 5.64
N PHE A 85 -4.76 8.41 4.86
CA PHE A 85 -3.74 7.45 5.26
C PHE A 85 -3.04 7.89 6.55
N ALA A 86 -2.66 9.15 6.61
CA ALA A 86 -1.89 9.64 7.76
C ALA A 86 -2.73 9.59 9.03
N LYS A 87 -4.00 9.97 8.94
CA LYS A 87 -4.92 9.87 10.08
C LYS A 87 -5.06 8.42 10.56
N TRP A 88 -5.11 7.49 9.61
CA TRP A 88 -5.25 6.04 9.89
C TRP A 88 -3.97 5.49 10.51
N TYR A 89 -2.84 5.98 10.02
CA TYR A 89 -1.54 5.48 10.45
C TYR A 89 -1.12 6.06 11.80
N SER A 90 -1.61 7.27 12.12
CA SER A 90 -1.29 7.92 13.40
C SER A 90 -1.42 6.97 14.59
N GLY A 91 -0.48 7.06 15.52
CA GLY A 91 -0.54 6.31 16.77
C GLY A 91 -1.81 6.60 17.58
N ASN A 92 -2.43 7.76 17.31
CA ASN A 92 -3.72 8.08 17.93
C ASN A 92 -4.84 7.12 17.51
N ASN A 93 -4.74 6.54 16.31
CA ASN A 93 -5.75 5.61 15.82
C ASN A 93 -5.51 4.21 16.39
N PRO A 94 -6.50 3.65 17.11
CA PRO A 94 -6.38 2.28 17.65
C PRO A 94 -6.11 1.22 16.60
N GLU A 95 -6.61 1.41 15.39
CA GLU A 95 -6.44 0.43 14.32
C GLU A 95 -5.16 0.68 13.49
N SER A 96 -4.35 1.66 13.88
CA SER A 96 -3.06 1.90 13.20
C SER A 96 -2.21 0.63 13.20
N PRO A 97 -1.53 0.34 12.07
CA PRO A 97 -0.57 -0.75 12.11
C PRO A 97 0.50 -0.57 13.19
N GLN A 98 0.84 0.66 13.55
CA GLN A 98 1.83 0.90 14.61
C GLN A 98 1.34 0.27 15.91
N ASN A 99 0.01 0.21 16.06
CA ASN A 99 -0.58 -0.32 17.29
C ASN A 99 -0.90 -1.79 17.15
N ILE A 100 -1.61 -2.18 16.09
CA ILE A 100 -2.03 -3.59 15.98
C ILE A 100 -0.84 -4.51 15.69
N TYR A 101 0.22 -3.99 15.07
CA TYR A 101 1.42 -4.79 14.81
C TYR A 101 2.61 -4.34 15.67
N HIS A 102 2.33 -3.71 16.80
CA HIS A 102 3.37 -3.35 17.73
C HIS A 102 4.18 -4.58 18.14
N ASN A 103 5.51 -4.48 18.02
CA ASN A 103 6.43 -5.62 18.27
C ASN A 103 6.15 -6.84 17.38
N MET A 104 5.46 -6.62 16.27
CA MET A 104 5.27 -7.68 15.29
C MET A 104 5.79 -7.21 13.95
N THR A 105 5.95 -8.16 13.03
CA THR A 105 6.16 -7.83 11.63
CA THR A 105 6.16 -7.85 11.61
C THR A 105 4.97 -8.37 10.81
N ALA A 106 4.60 -7.62 9.79
CA ALA A 106 3.57 -8.06 8.86
C ALA A 106 4.16 -7.89 7.47
N LYS A 107 4.25 -9.00 6.73
CA LYS A 107 4.79 -8.97 5.39
C LYS A 107 3.71 -9.40 4.41
N VAL A 108 3.56 -8.61 3.37
CA VAL A 108 2.56 -8.83 2.34
C VAL A 108 3.16 -9.58 1.14
N THR A 109 2.44 -10.61 0.71
CA THR A 109 2.68 -11.29 -0.55
C THR A 109 1.48 -11.10 -1.45
N ILE A 110 1.71 -10.49 -2.61
CA ILE A 110 0.66 -10.26 -3.59
C ILE A 110 0.33 -11.56 -4.33
N LYS A 111 -0.96 -11.84 -4.45
CA LYS A 111 -1.46 -13.01 -5.16
C LYS A 111 -1.79 -12.67 -6.62
N SER A 112 -2.53 -11.59 -6.82
CA SER A 112 -3.01 -11.19 -8.14
C SER A 112 -3.39 -9.72 -8.18
N ILE A 113 -3.29 -9.13 -9.36
CA ILE A 113 -3.72 -7.75 -9.59
C ILE A 113 -4.58 -7.76 -10.84
N SER A 114 -5.83 -7.35 -10.69
CA SER A 114 -6.82 -7.39 -11.77
C SER A 114 -7.33 -5.99 -12.05
N PHE A 115 -7.43 -5.66 -13.33
CA PHE A 115 -7.95 -4.38 -13.75
C PHE A 115 -9.45 -4.49 -13.94
N LEU A 116 -10.18 -3.75 -13.11
CA LEU A 116 -11.61 -3.61 -13.26
C LEU A 116 -12.00 -2.55 -14.29
N SER A 117 -11.11 -1.59 -14.48
CA SER A 117 -11.19 -0.61 -15.52
C SER A 117 -9.79 -0.04 -15.71
N LYS A 118 -9.66 0.95 -16.60
CA LYS A 118 -8.36 1.63 -16.83
C LYS A 118 -7.76 2.22 -15.56
N ASP A 119 -8.58 2.58 -14.57
CA ASP A 119 -8.07 3.30 -13.40
C ASP A 119 -8.49 2.67 -12.08
N LEU A 120 -8.94 1.42 -12.13
CA LEU A 120 -9.51 0.78 -10.93
C LEU A 120 -8.99 -0.63 -10.86
N ILE A 121 -8.28 -0.96 -9.80
CA ILE A 121 -7.71 -2.28 -9.67
C ILE A 121 -8.08 -3.00 -8.38
N GLN A 122 -8.01 -4.33 -8.49
CA GLN A 122 -8.24 -5.21 -7.34
CA GLN A 122 -8.25 -5.23 -7.36
C GLN A 122 -6.96 -5.98 -7.09
N VAL A 123 -6.45 -5.87 -5.87
CA VAL A 123 -5.18 -6.50 -5.51
C VAL A 123 -5.45 -7.51 -4.41
N ARG A 124 -5.36 -8.79 -4.73
CA ARG A 124 -5.52 -9.82 -3.73
C ARG A 124 -4.15 -10.17 -3.16
N TYR A 125 -4.08 -10.36 -1.84
CA TYR A 125 -2.82 -10.63 -1.18
C TYR A 125 -3.02 -11.40 0.10
N TYR A 126 -1.91 -11.91 0.66
CA TYR A 126 -1.96 -12.38 2.00
C TYR A 126 -0.89 -11.71 2.84
N LYS A 127 -1.11 -11.73 4.14
CA LYS A 127 -0.17 -11.16 5.10
C LYS A 127 0.37 -12.29 5.93
N THR A 128 1.68 -12.27 6.15
CA THR A 128 2.29 -13.17 7.11
C THR A 128 2.68 -12.31 8.31
N ILE A 129 2.09 -12.58 9.45
CA ILE A 129 2.28 -11.79 10.67
C ILE A 129 3.07 -12.64 11.64
N ARG A 130 4.25 -12.13 12.03
CA ARG A 130 5.15 -12.83 12.95
C ARG A 130 5.19 -12.12 14.29
N GLU A 131 4.97 -12.89 15.36
CA GLU A 131 4.98 -12.35 16.73
C GLU A 131 6.39 -12.44 17.28
N LEU A 132 6.64 -11.79 18.42
CA LEU A 132 7.96 -11.88 19.07
C LEU A 132 8.33 -13.31 19.43
N ASN A 133 7.32 -14.13 19.72
CA ASN A 133 7.54 -15.53 20.09
C ASN A 133 7.77 -16.46 18.90
N GLY A 134 7.76 -15.91 17.68
CA GLY A 134 8.07 -16.67 16.48
C GLY A 134 6.83 -17.20 15.78
N LYS A 135 5.69 -17.12 16.46
CA LYS A 135 4.43 -17.61 15.91
C LYS A 135 4.09 -16.78 14.67
N GLU A 136 3.83 -17.47 13.56
CA GLU A 136 3.36 -16.82 12.34
C GLU A 136 1.91 -17.20 12.06
N ASN A 137 1.14 -16.21 11.61
CA ASN A 137 -0.23 -16.39 11.15
C ASN A 137 -0.33 -15.84 9.74
N ILE A 138 -1.09 -16.51 8.88
CA ILE A 138 -1.32 -16.04 7.52
C ILE A 138 -2.78 -15.63 7.41
N SER A 139 -3.04 -14.46 6.86
CA SER A 139 -4.41 -14.01 6.62
C SER A 139 -4.52 -13.53 5.20
N HIS A 140 -5.74 -13.56 4.68
CA HIS A 140 -6.03 -13.23 3.28
C HIS A 140 -6.87 -11.95 3.15
N TRP A 141 -6.53 -11.16 2.15
CA TRP A 141 -7.04 -9.79 2.02
C TRP A 141 -7.22 -9.41 0.55
N VAL A 142 -7.98 -8.35 0.33
CA VAL A 142 -8.09 -7.74 -0.99
C VAL A 142 -8.18 -6.23 -0.84
N SER A 143 -7.41 -5.54 -1.67
CA SER A 143 -7.49 -4.08 -1.77
C SER A 143 -8.11 -3.66 -3.08
N ILE A 144 -8.88 -2.59 -3.05
CA ILE A 144 -9.43 -2.01 -4.26
C ILE A 144 -8.95 -0.58 -4.26
N LEU A 145 -8.45 -0.14 -5.39
CA LEU A 145 -7.99 1.23 -5.47
C LEU A 145 -8.10 1.86 -6.81
N ASN A 146 -8.27 3.18 -6.77
CA ASN A 146 -8.35 4.03 -7.92
CA ASN A 146 -8.31 4.02 -7.97
C ASN A 146 -7.00 4.76 -8.06
N PHE A 147 -6.42 4.75 -9.26
CA PHE A 147 -5.10 5.33 -9.46
C PHE A 147 -5.09 6.14 -10.78
N SER A 148 -4.14 7.06 -10.85
CA SER A 148 -3.80 7.70 -12.12
C SER A 148 -2.33 8.04 -12.07
N TYR A 149 -1.81 8.52 -13.19
CA TYR A 149 -0.47 9.08 -13.24
C TYR A 149 -0.55 10.55 -13.53
N ILE A 150 0.10 11.35 -12.72
CA ILE A 150 0.04 12.80 -12.87
C ILE A 150 1.43 13.26 -13.21
N ASN A 151 1.52 14.10 -14.25
CA ASN A 151 2.77 14.73 -14.65
C ASN A 151 2.89 16.02 -13.85
N ALA A 152 3.79 16.05 -12.89
CA ALA A 152 4.06 17.26 -12.10
C ALA A 152 5.56 17.42 -11.95
N HIS A 153 6.00 18.62 -11.59
CA HIS A 153 7.38 18.82 -11.17
C HIS A 153 7.45 18.66 -9.65
N ILE A 154 8.26 17.72 -9.17
CA ILE A 154 8.55 17.60 -7.73
C ILE A 154 10.07 17.48 -7.58
N SER A 155 10.57 17.34 -6.35
CA SER A 155 12.02 17.25 -6.15
C SER A 155 12.60 16.01 -6.82
N THR A 156 13.87 16.10 -7.22
CA THR A 156 14.57 14.97 -7.85
C THR A 156 14.52 13.72 -6.97
N GLU A 157 14.74 13.90 -5.66
CA GLU A 157 14.74 12.78 -4.72
C GLU A 157 13.39 12.08 -4.66
N ASP A 158 12.35 12.87 -4.51
CA ASP A 158 11.01 12.32 -4.46
C ASP A 158 10.65 11.74 -5.83
N ARG A 159 11.10 12.37 -6.90
CA ARG A 159 10.73 11.89 -8.22
C ARG A 159 11.37 10.50 -8.48
N LEU A 160 12.54 10.26 -7.94
CA LEU A 160 13.14 8.94 -8.12
C LEU A 160 12.36 7.85 -7.38
N ILE A 161 11.70 8.19 -6.29
CA ILE A 161 10.82 7.22 -5.60
C ILE A 161 9.53 7.03 -6.39
N ASN A 162 9.02 8.12 -6.99
CA ASN A 162 7.79 8.02 -7.76
C ASN A 162 7.96 8.62 -9.14
N PRO A 163 8.74 7.93 -9.97
CA PRO A 163 9.23 8.56 -11.19
C PRO A 163 8.16 8.90 -12.25
N LEU A 164 7.03 8.22 -12.21
CA LEU A 164 5.98 8.38 -13.20
C LEU A 164 4.76 9.10 -12.64
N GLY A 165 4.84 9.55 -11.40
CA GLY A 165 3.73 10.29 -10.79
C GLY A 165 2.51 9.43 -10.49
N PHE A 166 2.73 8.18 -10.14
CA PHE A 166 1.64 7.28 -9.71
C PHE A 166 0.92 7.90 -8.50
N GLN A 167 -0.42 7.94 -8.54
CA GLN A 167 -1.22 8.54 -7.48
C GLN A 167 -2.44 7.69 -7.20
N VAL A 168 -2.52 7.17 -6.00
CA VAL A 168 -3.73 6.46 -5.50
C VAL A 168 -4.66 7.49 -4.89
N SER A 169 -5.85 7.59 -5.44
CA SER A 169 -6.83 8.60 -5.00
C SER A 169 -7.89 8.05 -4.05
N GLU A 170 -8.10 6.74 -4.06
CA GLU A 170 -9.15 6.14 -3.24
C GLU A 170 -8.72 4.72 -3.02
N TYR A 171 -8.95 4.19 -1.82
CA TYR A 171 -8.37 2.92 -1.44
C TYR A 171 -9.14 2.26 -0.29
N ARG A 172 -9.31 0.95 -0.37
CA ARG A 172 -9.78 0.17 0.72
C ARG A 172 -9.11 -1.18 0.75
N SER A 173 -9.04 -1.77 1.94
CA SER A 173 -8.52 -3.14 2.06
C SER A 173 -9.40 -3.90 3.06
N ASP A 174 -9.90 -5.05 2.65
CA ASP A 174 -10.76 -5.89 3.47
C ASP A 174 -10.22 -7.29 3.60
N PRO A 175 -10.52 -7.94 4.73
CA PRO A 175 -10.21 -9.38 4.78
C PRO A 175 -11.10 -10.16 3.85
N GLU A 176 -10.55 -11.23 3.30
CA GLU A 176 -11.33 -12.19 2.53
C GLU A 176 -11.84 -13.29 3.45
N VAL A 177 -12.83 -14.01 2.96
CA VAL A 177 -13.45 -15.11 3.70
C VAL A 177 -12.55 -16.37 3.81
N ILE A 178 -11.56 -16.46 2.95
CA ILE A 178 -10.58 -17.55 2.99
C ILE A 178 -9.83 -17.63 4.30
N LYS A 179 -9.83 -18.82 4.90
CA LYS A 179 -9.12 -19.11 6.15
C LYS A 179 -8.10 -20.22 5.93
#